data_3QPT
#
_entry.id   3QPT
#
_cell.length_a   50.686
_cell.length_b   50.686
_cell.length_c   173.584
_cell.angle_alpha   90.00
_cell.angle_beta   90.00
_cell.angle_gamma   120.00
#
_symmetry.space_group_name_H-M   'P 65 2 2'
#
loop_
_entity.id
_entity.type
_entity.pdbx_description
1 polymer 'Transcriptional regulator slyA'
2 water water
#
_entity_poly.entity_id   1
_entity_poly.type   'polypeptide(L)'
_entity_poly.pdbx_seq_one_letter_code
;SNA(MSE)ESPLGSDLARLVRIWRALIDHRLKPLELTQTHWVTLHNIHQLPPDQSQIQLAKAIGIEQPSLVRTLDQLEDK
GLISRQTCASDRRAKRIKLTEKAEPLIAE(MSE)EEVIHKTRGEILAGISSEEIELLIKLIAKLEHNI(MSE)ELHSHD
;
_entity_poly.pdbx_strand_id   A
#
# COMPACT_ATOMS: atom_id res chain seq x y z
N LEU A 8 -2.91 -6.28 -21.97
CA LEU A 8 -1.90 -6.71 -20.95
C LEU A 8 -1.78 -5.76 -19.75
N GLY A 9 -1.84 -4.48 -20.04
CA GLY A 9 -1.86 -3.47 -19.01
C GLY A 9 -3.04 -3.58 -18.08
N SER A 10 -4.18 -4.03 -18.61
CA SER A 10 -5.42 -4.22 -17.84
C SER A 10 -5.54 -5.60 -17.21
N ASP A 11 -4.71 -6.53 -17.67
CA ASP A 11 -4.57 -7.82 -17.06
C ASP A 11 -3.70 -7.62 -15.83
N LEU A 12 -2.69 -6.74 -15.94
CA LEU A 12 -1.87 -6.36 -14.79
C LEU A 12 -2.65 -5.54 -13.78
N ALA A 13 -3.34 -4.51 -14.26
CA ALA A 13 -4.25 -3.72 -13.43
C ALA A 13 -5.15 -4.62 -12.57
N ARG A 14 -5.68 -5.67 -13.19
CA ARG A 14 -6.69 -6.51 -12.58
C ARG A 14 -6.02 -7.38 -11.58
N LEU A 15 -4.89 -7.95 -11.96
CA LEU A 15 -4.12 -8.74 -10.98
C LEU A 15 -3.78 -7.94 -9.70
N VAL A 16 -3.38 -6.69 -9.85
CA VAL A 16 -3.06 -5.85 -8.71
C VAL A 16 -4.28 -5.65 -7.79
N ARG A 17 -5.45 -5.51 -8.39
CA ARG A 17 -6.70 -5.28 -7.70
C ARG A 17 -7.10 -6.50 -6.87
N ILE A 18 -7.05 -7.68 -7.48
CA ILE A 18 -7.36 -8.90 -6.78
C ILE A 18 -6.32 -9.31 -5.71
N TRP A 19 -5.06 -8.94 -5.87
CA TRP A 19 -4.07 -9.17 -4.84
C TRP A 19 -4.40 -8.32 -3.59
N ARG A 20 -4.70 -7.06 -3.82
CA ARG A 20 -5.01 -6.15 -2.77
C ARG A 20 -6.30 -6.58 -2.06
N ALA A 21 -7.29 -6.97 -2.86
CA ALA A 21 -8.52 -7.59 -2.35
C ALA A 21 -8.29 -8.83 -1.53
N LEU A 22 -7.36 -9.70 -1.92
CA LEU A 22 -7.05 -10.84 -1.05
C LEU A 22 -6.52 -10.35 0.32
N ILE A 23 -5.60 -9.40 0.32
CA ILE A 23 -5.11 -8.88 1.57
C ILE A 23 -6.22 -8.20 2.39
N ASP A 24 -7.06 -7.40 1.75
CA ASP A 24 -8.17 -6.80 2.42
C ASP A 24 -9.01 -7.81 3.18
N HIS A 25 -9.31 -8.93 2.51
CA HIS A 25 -10.06 -10.06 3.04
C HIS A 25 -9.37 -10.72 4.24
N ARG A 26 -8.05 -10.85 4.21
CA ARG A 26 -7.31 -11.38 5.37
C ARG A 26 -7.21 -10.45 6.58
N LEU A 27 -7.45 -9.15 6.36
CA LEU A 27 -7.32 -8.16 7.38
C LEU A 27 -8.68 -7.73 8.00
N LYS A 28 -9.79 -8.36 7.61
CA LYS A 28 -11.12 -8.00 8.13
C LYS A 28 -11.23 -7.79 9.69
N PRO A 29 -10.49 -8.58 10.49
CA PRO A 29 -10.65 -8.47 11.93
C PRO A 29 -10.17 -7.15 12.44
N LEU A 30 -9.59 -6.33 11.58
CA LEU A 30 -9.03 -5.10 12.04
C LEU A 30 -10.07 -4.04 11.96
N GLU A 31 -11.20 -4.36 11.33
CA GLU A 31 -12.34 -3.44 11.18
C GLU A 31 -11.97 -2.09 10.55
N LEU A 32 -11.04 -2.12 9.60
CA LEU A 32 -10.69 -0.98 8.76
C LEU A 32 -11.27 -1.14 7.34
N THR A 33 -11.85 -0.11 6.72
CA THR A 33 -12.03 -0.13 5.25
C THR A 33 -10.67 -0.34 4.53
N GLN A 34 -10.76 -0.60 3.23
CA GLN A 34 -9.56 -0.75 2.40
C GLN A 34 -8.81 0.56 2.27
N THR A 35 -9.47 1.65 1.95
CA THR A 35 -8.81 2.95 2.03
C THR A 35 -8.06 3.13 3.38
N HIS A 36 -8.67 2.74 4.49
CA HIS A 36 -8.00 2.93 5.79
C HIS A 36 -6.70 2.18 5.88
N TRP A 37 -6.70 0.89 5.58
CA TRP A 37 -5.44 0.13 5.80
C TRP A 37 -4.38 0.48 4.73
N VAL A 38 -4.85 0.84 3.54
CA VAL A 38 -3.91 1.09 2.49
C VAL A 38 -3.20 2.38 2.88
N THR A 39 -3.97 3.33 3.44
CA THR A 39 -3.39 4.55 3.99
C THR A 39 -2.41 4.28 5.15
N LEU A 40 -2.78 3.48 6.14
CA LEU A 40 -1.81 3.10 7.21
C LEU A 40 -0.53 2.49 6.68
N HIS A 41 -0.66 1.51 5.80
CA HIS A 41 0.49 0.86 5.17
C HIS A 41 1.38 1.86 4.43
N ASN A 42 0.80 2.82 3.76
CA ASN A 42 1.63 3.79 3.04
C ASN A 42 2.37 4.73 3.90
N ILE A 43 1.75 5.16 4.99
CA ILE A 43 2.41 5.98 6.02
C ILE A 43 3.61 5.26 6.60
N HIS A 44 3.42 3.99 6.89
CA HIS A 44 4.51 3.16 7.40
C HIS A 44 5.65 3.00 6.42
N GLN A 45 5.31 2.82 5.14
CA GLN A 45 6.28 2.54 4.05
C GLN A 45 7.05 3.74 3.50
N LEU A 46 6.40 4.89 3.42
CA LEU A 46 7.09 6.08 2.95
C LEU A 46 8.03 6.65 4.02
N PRO A 47 9.06 7.41 3.61
CA PRO A 47 9.90 8.03 4.63
C PRO A 47 9.09 9.04 5.43
N PRO A 48 9.67 9.57 6.52
CA PRO A 48 8.86 10.44 7.38
C PRO A 48 8.40 11.74 6.71
N ASP A 49 7.39 12.38 7.29
CA ASP A 49 6.99 13.75 6.93
C ASP A 49 6.46 13.97 5.51
N GLN A 50 5.72 12.98 5.03
CA GLN A 50 5.07 13.12 3.77
C GLN A 50 4.01 14.21 3.89
N SER A 51 3.81 14.91 2.77
CA SER A 51 2.76 15.88 2.61
C SER A 51 1.51 15.11 2.30
N GLN A 52 0.35 15.70 2.57
CA GLN A 52 -0.95 15.12 2.27
C GLN A 52 -1.02 14.73 0.81
N ILE A 53 -0.51 15.60 -0.05
CA ILE A 53 -0.53 15.43 -1.49
C ILE A 53 0.25 14.22 -1.93
N GLN A 54 1.49 14.04 -1.43
CA GLN A 54 2.25 12.77 -1.64
C GLN A 54 1.61 11.49 -1.16
N LEU A 55 1.00 11.52 0.01
CA LEU A 55 0.33 10.33 0.54
CA LEU A 55 0.34 10.37 0.56
C LEU A 55 -0.87 10.03 -0.32
N ALA A 56 -1.61 11.05 -0.71
CA ALA A 56 -2.77 10.85 -1.56
C ALA A 56 -2.39 10.21 -2.89
N LYS A 57 -1.28 10.63 -3.44
CA LYS A 57 -0.87 10.07 -4.72
C LYS A 57 -0.41 8.64 -4.55
N ALA A 58 0.34 8.36 -3.47
CA ALA A 58 0.91 7.05 -3.19
C ALA A 58 -0.24 6.09 -3.03
N ILE A 59 -1.26 6.57 -2.34
CA ILE A 59 -2.45 5.76 -2.06
C ILE A 59 -3.43 5.56 -3.23
N GLY A 60 -3.42 6.42 -4.24
CA GLY A 60 -4.36 6.30 -5.34
C GLY A 60 -5.73 6.97 -5.19
N ILE A 61 -5.84 7.89 -4.24
CA ILE A 61 -7.10 8.57 -3.99
C ILE A 61 -6.95 10.08 -4.19
N GLU A 62 -8.07 10.78 -4.35
CA GLU A 62 -8.15 12.25 -4.38
C GLU A 62 -7.81 12.85 -3.04
N GLN A 63 -7.31 14.07 -3.12
CA GLN A 63 -6.93 14.87 -1.99
C GLN A 63 -8.02 14.95 -0.91
N PRO A 64 -9.26 15.37 -1.26
CA PRO A 64 -10.27 15.44 -0.22
C PRO A 64 -10.60 14.10 0.47
N SER A 65 -10.41 12.99 -0.24
CA SER A 65 -10.68 11.67 0.35
C SER A 65 -9.63 11.27 1.34
N LEU A 66 -8.38 11.58 1.01
CA LEU A 66 -7.28 11.41 1.89
C LEU A 66 -7.45 12.22 3.18
N VAL A 67 -7.83 13.48 3.04
CA VAL A 67 -8.06 14.32 4.21
C VAL A 67 -9.11 13.66 5.12
N ARG A 68 -10.24 13.28 4.54
CA ARG A 68 -11.25 12.56 5.29
C ARG A 68 -10.70 11.27 5.93
N THR A 69 -9.92 10.51 5.19
CA THR A 69 -9.34 9.27 5.72
C THR A 69 -8.49 9.53 6.92
N LEU A 70 -7.70 10.61 6.91
CA LEU A 70 -6.78 10.88 8.01
C LEU A 70 -7.54 11.34 9.22
N ASP A 71 -8.57 12.14 8.99
CA ASP A 71 -9.47 12.53 10.06
C ASP A 71 -10.23 11.30 10.66
N GLN A 72 -10.59 10.29 9.84
CA GLN A 72 -11.14 9.02 10.35
C GLN A 72 -10.17 8.14 11.10
N LEU A 73 -8.94 8.03 10.59
CA LEU A 73 -7.81 7.38 11.27
C LEU A 73 -7.39 8.02 12.61
N GLU A 74 -7.45 9.33 12.70
CA GLU A 74 -7.25 10.06 13.95
C GLU A 74 -8.31 9.69 15.01
N ASP A 75 -9.59 9.77 14.67
CA ASP A 75 -10.69 9.29 15.54
C ASP A 75 -10.56 7.89 16.11
N LYS A 76 -9.78 7.05 15.43
CA LYS A 76 -9.58 5.65 15.80
C LYS A 76 -8.28 5.49 16.57
N GLY A 77 -7.62 6.61 16.81
CA GLY A 77 -6.35 6.63 17.54
C GLY A 77 -5.20 6.02 16.76
N LEU A 78 -5.32 5.95 15.43
CA LEU A 78 -4.32 5.27 14.63
C LEU A 78 -3.26 6.20 14.04
N ILE A 79 -3.60 7.48 13.84
CA ILE A 79 -2.62 8.50 13.44
C ILE A 79 -2.69 9.75 14.34
N SER A 80 -1.58 10.46 14.46
CA SER A 80 -1.55 11.70 15.22
C SER A 80 -1.04 12.86 14.38
N ARG A 81 -1.66 14.03 14.53
CA ARG A 81 -1.25 15.20 13.75
C ARG A 81 -0.93 16.39 14.64
N GLN A 82 0.03 16.19 15.54
CA GLN A 82 0.36 17.18 16.56
C GLN A 82 1.58 18.07 16.25
N THR A 83 1.53 18.86 15.17
CA THR A 83 2.62 19.81 14.81
C THR A 83 2.15 21.13 14.13
N LYS A 91 1.05 20.50 9.75
CA LYS A 91 1.10 19.37 10.69
C LYS A 91 1.67 18.05 10.09
N ARG A 92 2.53 17.37 10.87
CA ARG A 92 3.21 16.09 10.52
C ARG A 92 2.25 14.95 10.78
N ILE A 93 2.39 13.87 10.01
CA ILE A 93 1.49 12.75 10.13
C ILE A 93 2.22 11.50 10.64
N LYS A 94 1.99 11.16 11.90
CA LYS A 94 2.61 9.99 12.56
C LYS A 94 1.67 8.79 12.79
N LEU A 95 2.24 7.58 12.82
CA LEU A 95 1.55 6.41 13.36
C LEU A 95 1.63 6.47 14.87
N THR A 96 0.49 6.41 15.54
CA THR A 96 0.46 6.33 16.99
C THR A 96 1.00 4.99 17.50
N GLU A 97 1.10 4.86 18.81
CA GLU A 97 1.59 3.65 19.47
C GLU A 97 0.54 2.53 19.50
N LYS A 98 -0.73 2.91 19.45
CA LYS A 98 -1.79 1.94 19.30
C LYS A 98 -1.79 1.33 17.91
N ALA A 99 -1.43 2.13 16.91
CA ALA A 99 -1.27 1.67 15.52
C ALA A 99 -0.04 0.79 15.25
N GLU A 100 1.01 0.88 16.06
CA GLU A 100 2.23 0.07 15.83
C GLU A 100 1.99 -1.46 15.84
N PRO A 101 1.28 -1.98 16.87
CA PRO A 101 0.96 -3.42 16.81
C PRO A 101 0.11 -3.86 15.62
N LEU A 102 -0.80 -3.01 15.15
CA LEU A 102 -1.67 -3.38 14.02
C LEU A 102 -0.88 -3.52 12.72
N ILE A 103 -0.06 -2.52 12.46
CA ILE A 103 0.83 -2.47 11.30
C ILE A 103 1.78 -3.66 11.26
N ALA A 104 2.38 -4.03 12.39
CA ALA A 104 3.15 -5.26 12.43
C ALA A 104 2.32 -6.50 12.03
N GLU A 105 1.10 -6.63 12.56
CA GLU A 105 0.19 -7.71 12.17
C GLU A 105 -0.14 -7.64 10.71
N MSE A 106 -0.46 -6.44 10.24
CA MSE A 106 -0.76 -6.21 8.83
CA MSE A 106 -0.73 -6.17 8.83
C MSE A 106 0.42 -6.61 7.99
O MSE A 106 0.26 -7.33 7.03
CB MSE A 106 -1.11 -4.72 8.60
CB MSE A 106 -0.91 -4.67 8.58
CG MSE A 106 -1.36 -4.33 7.16
CG MSE A 106 -2.32 -4.21 8.44
SE MSE A 106 -1.84 -2.46 7.02
SE MSE A 106 -2.44 -2.28 8.60
CE MSE A 106 -0.08 -1.77 7.44
CE MSE A 106 -0.80 -1.75 7.66
N GLU A 107 1.61 -6.14 8.35
CA GLU A 107 2.81 -6.45 7.56
C GLU A 107 3.06 -7.94 7.50
N GLU A 108 2.69 -8.62 8.59
CA GLU A 108 2.91 -10.04 8.65
C GLU A 108 1.98 -10.75 7.70
N VAL A 109 0.73 -10.30 7.62
CA VAL A 109 -0.25 -10.83 6.68
C VAL A 109 0.20 -10.63 5.23
N ILE A 110 0.75 -9.45 4.98
CA ILE A 110 1.24 -9.06 3.68
C ILE A 110 2.39 -9.95 3.22
N HIS A 111 3.32 -10.18 4.14
CA HIS A 111 4.51 -10.98 3.86
C HIS A 111 4.11 -12.44 3.66
N LYS A 112 3.26 -12.97 4.52
CA LYS A 112 2.83 -14.36 4.39
C LYS A 112 2.01 -14.61 3.13
N THR A 113 1.18 -13.65 2.77
CA THR A 113 0.34 -13.79 1.62
C THR A 113 1.17 -13.81 0.33
N ARG A 114 2.14 -12.91 0.22
CA ARG A 114 3.05 -12.88 -0.93
C ARG A 114 3.64 -14.25 -1.18
N GLY A 115 4.23 -14.83 -0.14
CA GLY A 115 4.74 -16.20 -0.15
C GLY A 115 3.79 -17.25 -0.69
N GLU A 116 2.55 -17.24 -0.21
CA GLU A 116 1.57 -18.21 -0.66
C GLU A 116 1.24 -18.00 -2.12
N ILE A 117 1.16 -16.74 -2.52
CA ILE A 117 0.75 -16.41 -3.90
C ILE A 117 1.81 -16.88 -4.88
N LEU A 118 3.06 -16.84 -4.41
CA LEU A 118 4.23 -17.22 -5.20
C LEU A 118 4.57 -18.72 -5.21
N ALA A 119 3.76 -19.55 -4.54
CA ALA A 119 3.94 -21.01 -4.58
C ALA A 119 3.69 -21.51 -6.00
N GLY A 120 4.47 -22.50 -6.44
CA GLY A 120 4.37 -23.05 -7.80
C GLY A 120 5.01 -22.17 -8.87
N ILE A 121 5.74 -21.15 -8.45
CA ILE A 121 6.42 -20.32 -9.41
C ILE A 121 7.88 -20.56 -9.11
N SER A 122 8.55 -21.08 -10.12
CA SER A 122 9.94 -21.39 -10.03
C SER A 122 10.69 -20.17 -9.49
N SER A 123 11.86 -20.36 -8.90
CA SER A 123 12.69 -19.19 -8.58
C SER A 123 13.21 -18.52 -9.88
N GLU A 124 12.93 -19.20 -11.00
CA GLU A 124 13.43 -18.86 -12.33
C GLU A 124 12.52 -17.86 -13.03
N GLU A 125 11.22 -18.16 -13.09
CA GLU A 125 10.19 -17.25 -13.59
C GLU A 125 10.09 -16.00 -12.70
N ILE A 126 10.47 -16.13 -11.44
CA ILE A 126 10.46 -15.04 -10.47
C ILE A 126 11.57 -14.02 -10.63
N GLU A 127 12.81 -14.45 -10.91
CA GLU A 127 13.85 -13.46 -11.26
C GLU A 127 13.47 -12.78 -12.55
N LEU A 128 12.80 -13.57 -13.38
CA LEU A 128 12.36 -13.20 -14.69
C LEU A 128 11.28 -12.13 -14.63
N LEU A 129 10.31 -12.30 -13.72
CA LEU A 129 9.28 -11.33 -13.58
C LEU A 129 9.82 -10.01 -13.04
N ILE A 130 10.69 -10.09 -12.04
CA ILE A 130 11.34 -8.90 -11.49
C ILE A 130 12.11 -8.18 -12.63
N LYS A 131 12.74 -8.95 -13.51
CA LYS A 131 13.42 -8.41 -14.69
C LYS A 131 12.52 -7.76 -15.77
N LEU A 132 11.45 -8.45 -16.16
CA LEU A 132 10.51 -7.96 -17.18
C LEU A 132 9.71 -6.78 -16.68
N ILE A 133 9.47 -6.71 -15.37
CA ILE A 133 8.78 -5.58 -14.81
C ILE A 133 9.65 -4.34 -14.94
N ALA A 134 10.88 -4.44 -14.43
CA ALA A 134 11.91 -3.44 -14.55
C ALA A 134 12.06 -3.00 -16.02
N LYS A 135 12.16 -3.95 -16.96
CA LYS A 135 12.22 -3.59 -18.40
C LYS A 135 11.02 -2.72 -18.87
N LEU A 136 9.81 -3.19 -18.58
CA LEU A 136 8.58 -2.46 -18.78
C LEU A 136 8.59 -1.08 -18.15
N GLU A 137 8.94 -1.00 -16.88
CA GLU A 137 9.01 0.26 -16.21
C GLU A 137 10.05 1.17 -16.85
N HIS A 138 11.03 0.58 -17.52
CA HIS A 138 12.10 1.33 -18.15
C HIS A 138 11.65 1.84 -19.47
N ASN A 139 11.02 0.99 -20.27
CA ASN A 139 10.37 1.44 -21.50
C ASN A 139 9.37 2.58 -21.28
N ILE A 140 8.71 2.59 -20.13
CA ILE A 140 7.65 3.55 -19.86
C ILE A 140 8.29 4.89 -19.51
N MSE A 141 9.27 4.86 -18.61
CA MSE A 141 10.12 6.02 -18.29
C MSE A 141 10.67 6.71 -19.53
O MSE A 141 10.67 7.92 -19.58
CB MSE A 141 11.27 5.52 -17.42
CG MSE A 141 11.98 6.58 -16.61
SE MSE A 141 13.95 6.29 -16.51
CE MSE A 141 13.98 4.63 -15.41
N GLU A 142 11.11 5.94 -20.53
CA GLU A 142 11.72 6.42 -21.77
C GLU A 142 10.72 7.02 -22.74
N LEU A 143 9.54 6.42 -22.82
CA LEU A 143 8.51 6.93 -23.70
C LEU A 143 7.94 8.24 -23.15
N HIS A 144 8.24 8.56 -21.89
CA HIS A 144 7.88 9.82 -21.28
C HIS A 144 8.68 11.00 -21.84
N SER A 145 10.01 10.94 -21.69
CA SER A 145 10.90 11.89 -22.37
C SER A 145 10.44 12.08 -23.84
N HIS A 146 10.74 11.10 -24.70
CA HIS A 146 10.32 11.10 -26.12
C HIS A 146 9.91 12.46 -26.72
#